data_6UEH
#
_entry.id   6UEH
#
_cell.length_a   56.769
_cell.length_b   53.748
_cell.length_c   89.696
_cell.angle_alpha   90.000
_cell.angle_beta   103.510
_cell.angle_gamma   90.000
#
_symmetry.space_group_name_H-M   'P 1 21 1'
#
loop_
_entity.id
_entity.type
_entity.pdbx_description
1 polymer 'Cow rumen GH26 endo-mannanase'
2 non-polymer 'CALCIUM ION'
3 non-polymer 'ACETATE ION'
4 water water
#
_entity_poly.entity_id   1
_entity_poly.type   'polypeptide(L)'
_entity_poly.pdbx_seq_one_letter_code
;AAEEYTKFPYTIEAEDCDGAGEPWTSVYDTKIKGMYSGKGFAYLTNAPISFNVTVKEDGMYQFTAKVAQILDKGGRLQTI
SVNGIDYQYTVPYYDTWTDFDFGMHRLNKGANKVSFKPIYGYAEFDTITVEEATFPDFSKVDTKLSDPKATKEAQKLQDY
LGSVYGKKIISGQQEIYGGGNDGDYELEFEYIKDLTGKYPAIRGFDFMNYNPLYGWDDQTTERVIEWVKERGGIATASWH
INVPKDFDSYELGDKVDWQQCTYATSSTFKTADCIKKGTKENDYWNEAIKMLAEQLQRLQDEKVPLIFRPLHEAEGNVNT
DGSGAWFWWGKAGAKTYVEIWKYLYDKLTNEYDLHNLIWEQNLYAWSPDSIQWYAGDEYVDMIGYDKYNTVYNRHDGKTS
GPNLDAETPIFYTLLNFVENKKMISLAENDSIPGVDNLIIEHAAWLYFCPWYGEFILDEKNNAKSDLKEIYTSDYCITLE
DLPFSKKE
;
_entity_poly.pdbx_strand_id   A
#
loop_
_chem_comp.id
_chem_comp.type
_chem_comp.name
_chem_comp.formula
ACT non-polymer 'ACETATE ION' 'C2 H3 O2 -1'
CA non-polymer 'CALCIUM ION' 'Ca 2'
#
# COMPACT_ATOMS: atom_id res chain seq x y z
N GLU A 3 13.54 36.91 -7.43
CA GLU A 3 12.57 35.96 -6.90
C GLU A 3 12.59 35.95 -5.38
N GLU A 4 11.61 36.61 -4.76
CA GLU A 4 11.52 36.62 -3.30
C GLU A 4 10.80 35.38 -2.79
N TYR A 5 11.31 34.81 -1.72
CA TYR A 5 10.80 33.53 -1.23
C TYR A 5 9.81 33.69 -0.10
N THR A 6 8.75 32.91 -0.15
CA THR A 6 7.68 32.94 0.83
C THR A 6 8.20 32.62 2.22
N LYS A 7 7.71 33.36 3.21
CA LYS A 7 8.08 33.12 4.61
C LYS A 7 7.03 32.25 5.28
N PHE A 8 7.48 31.24 6.02
CA PHE A 8 6.57 30.29 6.65
C PHE A 8 6.61 30.40 8.18
N PRO A 9 5.45 30.24 8.84
CA PRO A 9 4.16 29.92 8.25
C PRO A 9 3.55 31.07 7.44
N TYR A 10 2.79 30.71 6.41
CA TYR A 10 2.24 31.69 5.49
C TYR A 10 0.72 31.61 5.47
N THR A 11 0.07 32.71 5.86
CA THR A 11 -1.39 32.75 5.87
C THR A 11 -1.89 33.91 5.02
N ILE A 12 -2.86 33.62 4.15
CA ILE A 12 -3.51 34.66 3.37
C ILE A 12 -5.01 34.67 3.61
N GLU A 13 -5.61 35.85 3.45
CA GLU A 13 -7.06 35.94 3.37
C GLU A 13 -7.48 35.38 2.02
N ALA A 14 -8.39 34.43 2.02
CA ALA A 14 -8.77 33.77 0.77
C ALA A 14 -9.44 34.74 -0.19
N GLU A 15 -10.09 35.76 0.36
CA GLU A 15 -10.74 36.78 -0.46
C GLU A 15 -9.72 37.60 -1.25
N ASP A 16 -8.44 37.48 -0.88
CA ASP A 16 -7.38 38.19 -1.59
C ASP A 16 -6.76 37.32 -2.69
N CYS A 17 -7.18 36.07 -2.81
CA CYS A 17 -6.67 35.17 -3.83
C CYS A 17 -7.00 35.65 -5.23
N ASP A 18 -6.17 35.27 -6.21
CA ASP A 18 -6.48 35.53 -7.60
C ASP A 18 -7.76 34.78 -7.97
N GLY A 19 -8.72 35.50 -8.55
CA GLY A 19 -9.96 34.89 -8.99
C GLY A 19 -11.07 34.94 -7.98
N ALA A 20 -10.77 35.45 -6.78
CA ALA A 20 -11.75 35.51 -5.70
C ALA A 20 -12.71 36.67 -5.87
N GLY A 21 -12.26 37.75 -6.49
CA GLY A 21 -13.06 38.95 -6.65
C GLY A 21 -13.28 39.66 -5.33
N GLU A 22 -14.37 40.41 -5.22
CA GLU A 22 -14.68 41.13 -3.99
C GLU A 22 -15.07 40.16 -2.88
N PRO A 23 -14.71 40.49 -1.63
CA PRO A 23 -15.00 39.62 -0.48
C PRO A 23 -16.49 39.38 -0.28
N TRP A 24 -16.84 38.16 0.08
CA TRP A 24 -18.21 37.82 0.44
C TRP A 24 -18.40 37.94 1.95
N THR A 25 -19.62 38.24 2.39
CA THR A 25 -19.90 38.29 3.82
C THR A 25 -21.01 37.30 4.21
N SER A 26 -21.65 36.72 3.20
CA SER A 26 -22.58 35.61 3.41
C SER A 26 -22.75 34.83 2.11
N VAL A 27 -23.20 33.59 2.21
CA VAL A 27 -23.54 32.82 1.03
C VAL A 27 -24.92 33.26 0.59
N TYR A 28 -24.95 34.40 -0.08
CA TYR A 28 -26.17 35.14 -0.38
C TYR A 28 -26.96 35.42 0.90
N ASP A 29 -28.04 34.67 1.13
CA ASP A 29 -28.89 34.96 2.29
C ASP A 29 -28.52 34.17 3.54
N THR A 30 -27.54 33.27 3.42
CA THR A 30 -27.17 32.42 4.55
C THR A 30 -25.78 32.75 5.09
N LYS A 31 -25.75 33.26 6.31
CA LYS A 31 -24.50 33.58 6.99
C LYS A 31 -23.78 32.32 7.45
N ILE A 32 -22.47 32.28 7.24
CA ILE A 32 -21.64 31.29 7.90
C ILE A 32 -21.53 31.72 9.36
N LYS A 33 -21.81 30.81 10.28
CA LYS A 33 -21.81 31.16 11.70
C LYS A 33 -20.40 31.49 12.19
N GLY A 34 -20.32 32.34 13.21
CA GLY A 34 -19.05 32.74 13.76
C GLY A 34 -18.53 34.03 13.15
N MET A 35 -17.21 34.18 13.11
CA MET A 35 -16.60 35.39 12.61
C MET A 35 -15.47 35.09 11.63
N TYR A 36 -15.57 35.64 10.41
CA TYR A 36 -14.50 35.51 9.45
C TYR A 36 -13.37 36.48 9.76
N SER A 37 -12.17 36.15 9.28
CA SER A 37 -11.03 37.05 9.40
C SER A 37 -11.05 38.04 8.25
N GLY A 38 -10.55 39.25 8.47
CA GLY A 38 -10.49 40.25 7.43
C GLY A 38 -11.86 40.78 7.03
N LYS A 39 -12.00 41.16 5.76
CA LYS A 39 -13.22 41.82 5.29
C LYS A 39 -14.32 40.83 4.92
N GLY A 40 -13.97 39.55 4.81
CA GLY A 40 -14.96 38.54 4.47
C GLY A 40 -14.34 37.21 4.11
N PHE A 41 -14.84 36.59 3.06
CA PHE A 41 -14.31 35.31 2.61
C PHE A 41 -14.46 35.13 1.10
N ALA A 42 -13.81 34.09 0.58
CA ALA A 42 -13.96 33.72 -0.82
C ALA A 42 -15.03 32.66 -0.96
N TYR A 43 -15.96 32.88 -1.89
CA TYR A 43 -16.98 31.89 -2.19
C TYR A 43 -16.61 31.21 -3.51
N LEU A 44 -15.97 30.05 -3.38
CA LEU A 44 -15.57 29.26 -4.55
C LEU A 44 -16.79 28.60 -5.16
N THR A 45 -17.20 29.03 -6.35
CA THR A 45 -18.34 28.41 -7.01
C THR A 45 -17.92 27.53 -8.18
N ASN A 46 -17.91 28.10 -9.39
CA ASN A 46 -17.53 27.32 -10.57
C ASN A 46 -16.25 27.84 -11.23
N ALA A 47 -15.45 28.59 -10.48
CA ALA A 47 -14.19 29.10 -10.99
C ALA A 47 -13.13 29.07 -9.88
N PRO A 48 -11.87 28.73 -10.24
CA PRO A 48 -10.83 28.54 -9.23
C PRO A 48 -10.38 29.83 -8.54
N ILE A 49 -9.83 29.67 -7.35
CA ILE A 49 -9.12 30.74 -6.67
C ILE A 49 -7.70 30.27 -6.40
N SER A 50 -6.73 31.18 -6.40
CA SER A 50 -5.35 30.75 -6.30
C SER A 50 -4.42 31.80 -5.70
N PHE A 51 -3.25 31.33 -5.29
CA PHE A 51 -2.17 32.19 -4.80
C PHE A 51 -0.84 31.52 -5.07
N ASN A 52 0.24 32.29 -4.98
CA ASN A 52 1.57 31.76 -5.24
C ASN A 52 2.40 31.53 -3.99
N VAL A 53 3.16 30.44 -4.01
CA VAL A 53 4.19 30.20 -3.01
C VAL A 53 5.51 29.93 -3.74
N THR A 54 6.56 30.64 -3.36
CA THR A 54 7.87 30.47 -3.97
C THR A 54 8.85 29.88 -2.96
N VAL A 55 9.53 28.81 -3.35
CA VAL A 55 10.49 28.14 -2.47
C VAL A 55 11.85 27.98 -3.14
N LYS A 56 12.90 27.89 -2.34
CA LYS A 56 14.27 27.75 -2.86
C LYS A 56 14.54 26.34 -3.36
N GLU A 57 13.96 25.34 -2.70
CA GLU A 57 14.18 23.95 -3.05
C GLU A 57 12.90 23.14 -2.99
N ASP A 58 12.89 21.98 -3.64
CA ASP A 58 11.80 21.03 -3.52
C ASP A 58 11.60 20.67 -2.04
N GLY A 59 10.35 20.59 -1.62
CA GLY A 59 10.04 20.25 -0.24
C GLY A 59 8.57 19.97 -0.01
N MET A 60 8.25 19.45 1.16
CA MET A 60 6.87 19.13 1.51
C MET A 60 6.26 20.19 2.42
N TYR A 61 5.00 20.54 2.16
CA TYR A 61 4.35 21.62 2.89
C TYR A 61 2.92 21.25 3.30
N GLN A 62 2.53 21.68 4.49
CA GLN A 62 1.21 21.41 5.03
C GLN A 62 0.21 22.48 4.62
N PHE A 63 -0.93 22.05 4.11
CA PHE A 63 -1.96 22.98 3.66
C PHE A 63 -3.21 22.90 4.53
N THR A 64 -3.59 24.03 5.10
CA THR A 64 -4.76 24.11 5.95
C THR A 64 -5.57 25.34 5.58
N ALA A 65 -6.88 25.29 5.78
CA ALA A 65 -7.72 26.44 5.49
C ALA A 65 -8.90 26.52 6.45
N LYS A 66 -9.30 27.75 6.77
CA LYS A 66 -10.51 27.98 7.54
C LYS A 66 -11.67 28.02 6.57
N VAL A 67 -12.50 26.97 6.59
CA VAL A 67 -13.52 26.81 5.57
C VAL A 67 -14.92 26.63 6.12
N ALA A 68 -15.89 26.67 5.22
CA ALA A 68 -17.25 26.27 5.50
C ALA A 68 -17.80 25.60 4.25
N GLN A 69 -18.88 24.84 4.41
CA GLN A 69 -19.48 24.13 3.29
C GLN A 69 -20.93 23.81 3.62
N ILE A 70 -21.85 24.54 3.02
CA ILE A 70 -23.26 24.43 3.41
C ILE A 70 -24.19 23.99 2.28
N LEU A 71 -23.63 23.56 1.16
CA LEU A 71 -24.47 23.10 0.05
C LEU A 71 -24.94 21.65 0.25
N ASP A 72 -24.02 20.80 0.71
CA ASP A 72 -24.32 19.37 0.88
C ASP A 72 -24.19 18.93 2.34
N LYS A 73 -25.28 18.46 2.91
CA LYS A 73 -25.29 17.94 4.28
C LYS A 73 -24.36 16.74 4.44
N GLY A 74 -24.22 15.95 3.38
CA GLY A 74 -23.43 14.74 3.44
C GLY A 74 -21.97 14.94 3.07
N GLY A 75 -21.58 16.19 2.86
CA GLY A 75 -20.21 16.50 2.48
C GLY A 75 -20.07 16.72 0.98
N ARG A 76 -19.02 17.42 0.58
CA ARG A 76 -18.82 17.75 -0.83
C ARG A 76 -17.35 17.69 -1.22
N LEU A 77 -17.07 17.00 -2.32
CA LEU A 77 -15.70 16.87 -2.82
C LEU A 77 -15.08 18.23 -3.14
N GLN A 78 -13.85 18.44 -2.70
CA GLN A 78 -13.11 19.65 -3.04
C GLN A 78 -11.75 19.27 -3.60
N THR A 79 -11.11 20.20 -4.30
CA THR A 79 -9.84 19.91 -4.93
C THR A 79 -8.80 21.01 -4.68
N ILE A 80 -7.71 20.64 -4.02
CA ILE A 80 -6.58 21.52 -3.90
C ILE A 80 -5.56 21.11 -4.96
N SER A 81 -4.87 22.09 -5.54
CA SER A 81 -3.99 21.82 -6.66
C SER A 81 -2.68 22.58 -6.53
N VAL A 82 -1.58 21.88 -6.76
CA VAL A 82 -0.27 22.51 -6.79
C VAL A 82 0.25 22.45 -8.21
N ASN A 83 0.30 23.61 -8.85
CA ASN A 83 0.59 23.72 -10.28
C ASN A 83 -0.35 22.82 -11.07
N GLY A 84 0.19 21.76 -11.67
CA GLY A 84 -0.62 20.90 -12.51
C GLY A 84 -1.21 19.68 -11.83
N ILE A 85 -0.89 19.48 -10.55
CA ILE A 85 -1.29 18.26 -9.85
C ILE A 85 -2.47 18.51 -8.92
N ASP A 86 -3.48 17.65 -8.99
CA ASP A 86 -4.68 17.78 -8.17
C ASP A 86 -4.72 16.80 -7.01
N TYR A 87 -5.24 17.26 -5.88
CA TYR A 87 -5.48 16.41 -4.71
C TYR A 87 -6.92 16.58 -4.23
N GLN A 88 -7.65 15.49 -4.10
CA GLN A 88 -9.07 15.54 -3.77
C GLN A 88 -9.36 15.31 -2.29
N TYR A 89 -10.25 16.12 -1.74
CA TYR A 89 -10.67 16.00 -0.34
C TYR A 89 -12.18 16.18 -0.21
N THR A 90 -12.79 15.39 0.67
CA THR A 90 -14.21 15.56 0.97
C THR A 90 -14.39 16.46 2.19
N VAL A 91 -14.95 17.64 1.98
CA VAL A 91 -15.21 18.56 3.07
C VAL A 91 -16.64 18.35 3.59
N PRO A 92 -16.76 17.97 4.87
CA PRO A 92 -18.08 17.75 5.48
C PRO A 92 -18.93 19.01 5.51
N TYR A 93 -20.21 18.86 5.82
CA TYR A 93 -21.07 20.01 6.05
C TYR A 93 -20.57 20.81 7.24
N TYR A 94 -20.12 22.04 6.97
CA TYR A 94 -19.67 22.96 8.00
C TYR A 94 -20.44 24.26 7.90
N ASP A 95 -21.31 24.54 8.87
CA ASP A 95 -22.11 25.76 8.85
C ASP A 95 -21.44 26.86 9.67
N THR A 96 -20.26 26.54 10.19
CA THR A 96 -19.47 27.45 10.99
C THR A 96 -18.02 27.34 10.51
N TRP A 97 -17.24 28.41 10.62
CA TRP A 97 -15.86 28.38 10.18
C TRP A 97 -15.06 27.29 10.89
N THR A 98 -14.43 26.43 10.09
CA THR A 98 -13.75 25.25 10.61
C THR A 98 -12.42 25.02 9.90
N ASP A 99 -11.36 24.74 10.68
CA ASP A 99 -10.09 24.38 10.08
C ASP A 99 -10.18 23.03 9.39
N PHE A 100 -9.75 22.97 8.15
CA PHE A 100 -9.72 21.70 7.41
C PHE A 100 -8.31 21.39 6.93
N ASP A 101 -7.91 20.13 7.08
CA ASP A 101 -6.58 19.67 6.67
C ASP A 101 -6.59 19.25 5.21
N PHE A 102 -5.93 20.03 4.36
CA PHE A 102 -5.84 19.73 2.94
C PHE A 102 -4.56 18.99 2.59
N GLY A 103 -3.93 18.38 3.59
CA GLY A 103 -2.80 17.48 3.37
C GLY A 103 -1.42 18.10 3.22
N MET A 104 -0.42 17.23 3.11
CA MET A 104 0.95 17.65 2.88
C MET A 104 1.32 17.35 1.43
N HIS A 105 1.77 18.36 0.70
CA HIS A 105 2.06 18.18 -0.71
C HIS A 105 3.36 18.84 -1.12
N ARG A 106 3.92 18.35 -2.22
CA ARG A 106 5.23 18.81 -2.69
C ARG A 106 5.15 20.17 -3.36
N LEU A 107 5.98 21.10 -2.87
CA LEU A 107 6.24 22.33 -3.60
C LEU A 107 7.60 22.19 -4.26
N ASN A 108 7.70 22.64 -5.50
CA ASN A 108 8.94 22.51 -6.24
C ASN A 108 9.68 23.83 -6.37
N LYS A 109 10.99 23.75 -6.58
CA LYS A 109 11.87 24.91 -6.70
C LYS A 109 11.28 25.99 -7.60
N GLY A 110 11.17 27.21 -7.06
CA GLY A 110 10.60 28.32 -7.80
C GLY A 110 9.15 28.56 -7.45
N ALA A 111 8.39 29.09 -8.41
CA ALA A 111 7.01 29.49 -8.18
C ALA A 111 6.07 28.28 -8.17
N ASN A 112 5.09 28.32 -7.27
CA ASN A 112 4.07 27.29 -7.19
C ASN A 112 2.67 27.91 -7.11
N LYS A 113 1.84 27.62 -8.09
CA LYS A 113 0.46 28.09 -8.04
C LYS A 113 -0.38 27.12 -7.22
N VAL A 114 -0.82 27.58 -6.06
CA VAL A 114 -1.72 26.78 -5.23
C VAL A 114 -3.16 27.19 -5.51
N SER A 115 -3.96 26.24 -5.98
CA SER A 115 -5.34 26.55 -6.36
C SER A 115 -6.36 25.70 -5.64
N PHE A 116 -7.53 26.27 -5.41
CA PHE A 116 -8.71 25.47 -5.11
C PHE A 116 -9.59 25.48 -6.35
N LYS A 117 -9.77 24.31 -6.94
CA LYS A 117 -10.51 24.19 -8.19
C LYS A 117 -11.98 23.88 -7.93
N PRO A 118 -12.86 24.28 -8.86
CA PRO A 118 -14.29 24.00 -8.74
C PRO A 118 -14.62 22.53 -9.00
N ILE A 119 -13.96 21.64 -8.27
CA ILE A 119 -14.23 20.22 -8.34
C ILE A 119 -14.40 19.68 -6.92
N TYR A 120 -15.60 19.80 -6.35
CA TYR A 120 -16.77 20.31 -7.06
C TYR A 120 -17.17 21.73 -6.64
N GLY A 121 -16.29 22.41 -5.92
CA GLY A 121 -16.54 23.79 -5.54
C GLY A 121 -17.72 24.01 -4.62
N TYR A 122 -18.28 25.21 -4.65
CA TYR A 122 -19.36 25.64 -3.77
C TYR A 122 -19.03 25.35 -2.30
N ALA A 123 -17.92 25.95 -1.89
CA ALA A 123 -17.47 25.93 -0.50
C ALA A 123 -16.88 27.30 -0.19
N GLU A 124 -16.77 27.61 1.10
CA GLU A 124 -16.32 28.94 1.51
C GLU A 124 -14.93 28.88 2.12
N PHE A 125 -14.11 29.88 1.81
CA PHE A 125 -12.74 29.94 2.30
C PHE A 125 -12.46 31.29 2.96
N ASP A 126 -12.18 31.26 4.26
CA ASP A 126 -11.88 32.48 5.01
C ASP A 126 -10.40 32.83 4.91
N THR A 127 -9.56 31.90 5.34
CA THR A 127 -8.11 32.04 5.22
C THR A 127 -7.49 30.73 4.74
N ILE A 128 -6.27 30.82 4.23
CA ILE A 128 -5.52 29.65 3.82
C ILE A 128 -4.13 29.72 4.44
N THR A 129 -3.64 28.60 4.95
CA THR A 129 -2.35 28.58 5.64
C THR A 129 -1.41 27.51 5.07
N VAL A 130 -0.18 27.93 4.76
CA VAL A 130 0.84 27.00 4.30
C VAL A 130 2.00 26.96 5.29
N GLU A 131 2.32 25.76 5.78
CA GLU A 131 3.40 25.57 6.73
C GLU A 131 4.38 24.52 6.21
N GLU A 132 5.62 24.55 6.71
CA GLU A 132 6.54 23.47 6.45
C GLU A 132 5.97 22.19 7.04
N ALA A 133 6.02 21.10 6.27
CA ALA A 133 5.37 19.86 6.66
C ALA A 133 5.99 19.27 7.92
N THR A 134 5.16 18.63 8.74
CA THR A 134 5.63 17.83 9.85
C THR A 134 5.19 16.39 9.62
N PHE A 135 6.10 15.46 9.82
CA PHE A 135 5.84 14.07 9.45
C PHE A 135 5.61 13.19 10.66
N PRO A 136 4.88 12.08 10.49
CA PRO A 136 4.67 11.12 11.57
C PRO A 136 5.99 10.59 12.13
N ASP A 137 6.05 10.36 13.43
CA ASP A 137 7.22 9.76 14.05
C ASP A 137 7.20 8.25 13.78
N PHE A 138 7.89 7.84 12.72
CA PHE A 138 7.90 6.44 12.31
C PHE A 138 8.67 5.57 13.30
N SER A 139 9.64 6.16 13.99
CA SER A 139 10.47 5.43 14.93
C SER A 139 9.69 5.05 16.19
N LYS A 140 8.59 5.75 16.44
CA LYS A 140 7.80 5.51 17.64
C LYS A 140 6.66 4.53 17.41
N VAL A 141 6.57 3.99 16.20
CA VAL A 141 5.59 2.95 15.91
C VAL A 141 5.94 1.69 16.70
N ASP A 142 5.00 1.22 17.52
CA ASP A 142 5.24 0.00 18.29
C ASP A 142 5.21 -1.22 17.38
N THR A 143 6.30 -1.99 17.40
CA THR A 143 6.43 -3.12 16.50
C THR A 143 6.28 -4.46 17.22
N LYS A 144 5.55 -4.47 18.32
CA LYS A 144 5.21 -5.72 18.99
C LYS A 144 4.25 -6.50 18.08
N LEU A 145 4.58 -7.76 17.81
CA LEU A 145 3.77 -8.57 16.90
C LEU A 145 2.41 -8.89 17.51
N SER A 146 1.42 -9.12 16.66
CA SER A 146 0.05 -9.37 17.12
C SER A 146 -0.07 -10.72 17.80
N ASP A 147 0.75 -11.68 17.38
CA ASP A 147 0.79 -12.99 18.01
C ASP A 147 1.58 -12.91 19.31
N PRO A 148 0.91 -13.14 20.45
CA PRO A 148 1.57 -13.09 21.76
C PRO A 148 2.68 -14.12 21.90
N LYS A 149 2.59 -15.19 21.11
CA LYS A 149 3.56 -16.28 21.17
C LYS A 149 4.59 -16.21 20.06
N ALA A 150 4.68 -15.05 19.40
CA ALA A 150 5.63 -14.85 18.31
C ALA A 150 7.03 -15.33 18.67
N THR A 151 7.67 -16.06 17.76
CA THR A 151 9.00 -16.59 18.00
C THR A 151 9.99 -15.43 18.13
N LYS A 152 11.14 -15.68 18.74
CA LYS A 152 12.13 -14.62 18.94
C LYS A 152 12.67 -14.12 17.60
N GLU A 153 12.79 -15.02 16.62
CA GLU A 153 13.28 -14.64 15.30
C GLU A 153 12.30 -13.70 14.60
N ALA A 154 11.01 -13.99 14.72
CA ALA A 154 9.98 -13.16 14.11
C ALA A 154 9.94 -11.77 14.72
N GLN A 155 9.98 -11.70 16.05
CA GLN A 155 9.91 -10.43 16.75
C GLN A 155 11.17 -9.59 16.50
N LYS A 156 12.32 -10.25 16.45
CA LYS A 156 13.57 -9.56 16.16
C LYS A 156 13.58 -9.01 14.73
N LEU A 157 13.02 -9.76 13.79
CA LEU A 157 12.91 -9.28 12.42
C LEU A 157 12.00 -8.06 12.35
N GLN A 158 10.83 -8.14 12.98
CA GLN A 158 9.89 -7.03 12.99
C GLN A 158 10.49 -5.78 13.63
N ASP A 159 11.27 -5.98 14.68
CA ASP A 159 11.91 -4.86 15.35
C ASP A 159 13.00 -4.24 14.48
N TYR A 160 13.73 -5.05 13.73
CA TYR A 160 14.71 -4.53 12.79
C TYR A 160 14.01 -3.67 11.74
N LEU A 161 12.90 -4.17 11.21
CA LEU A 161 12.12 -3.43 10.22
C LEU A 161 11.67 -2.09 10.79
N GLY A 162 11.19 -2.11 12.03
CA GLY A 162 10.77 -0.90 12.70
C GLY A 162 11.92 0.08 12.89
N SER A 163 13.14 -0.45 12.96
CA SER A 163 14.31 0.39 13.23
C SER A 163 14.74 1.19 12.01
N VAL A 164 14.31 0.75 10.83
CA VAL A 164 14.68 1.46 9.60
C VAL A 164 13.49 2.15 8.97
N TYR A 165 12.30 1.90 9.51
CA TYR A 165 11.06 2.48 8.99
C TYR A 165 11.09 4.00 9.08
N GLY A 166 10.94 4.65 7.94
CA GLY A 166 10.98 6.10 7.88
C GLY A 166 12.36 6.65 7.59
N LYS A 167 13.38 5.80 7.73
CA LYS A 167 14.76 6.22 7.48
C LYS A 167 15.31 5.64 6.17
N LYS A 168 14.85 4.45 5.81
CA LYS A 168 15.32 3.77 4.62
C LYS A 168 14.16 3.09 3.89
N ILE A 169 14.45 2.56 2.70
CA ILE A 169 13.56 1.61 2.06
C ILE A 169 14.36 0.34 1.75
N ILE A 170 13.76 -0.81 2.00
CA ILE A 170 14.47 -2.08 1.83
C ILE A 170 14.21 -2.65 0.43
N SER A 171 15.28 -3.04 -0.25
CA SER A 171 15.13 -3.62 -1.58
C SER A 171 14.52 -5.02 -1.53
N GLY A 172 13.75 -5.37 -2.55
CA GLY A 172 13.12 -6.68 -2.61
C GLY A 172 12.88 -7.15 -4.02
N GLN A 173 12.66 -8.44 -4.19
CA GLN A 173 12.42 -9.03 -5.50
C GLN A 173 11.70 -10.37 -5.38
N GLN A 174 10.63 -10.53 -6.15
CA GLN A 174 9.91 -11.80 -6.19
C GLN A 174 10.62 -12.77 -7.14
N GLU A 175 10.79 -14.02 -6.70
CA GLU A 175 11.38 -15.05 -7.54
C GLU A 175 10.32 -15.64 -8.45
N ILE A 176 10.77 -16.34 -9.49
CA ILE A 176 9.88 -16.91 -10.50
C ILE A 176 8.98 -18.01 -9.90
N TYR A 177 7.83 -18.23 -10.52
CA TYR A 177 6.95 -19.32 -10.13
C TYR A 177 7.66 -20.66 -10.27
N GLY A 178 7.21 -21.66 -9.50
CA GLY A 178 7.83 -22.97 -9.51
C GLY A 178 7.94 -23.58 -10.89
N GLY A 179 9.15 -23.98 -11.27
CA GLY A 179 9.39 -24.55 -12.58
C GLY A 179 9.79 -23.51 -13.62
N GLY A 180 9.56 -22.24 -13.32
CA GLY A 180 9.87 -21.17 -14.24
C GLY A 180 11.35 -21.00 -14.54
N ASN A 181 11.65 -20.24 -15.59
CA ASN A 181 13.04 -20.01 -16.02
C ASN A 181 13.82 -21.30 -16.24
N ASP A 182 13.13 -22.36 -16.66
CA ASP A 182 13.72 -23.67 -16.86
C ASP A 182 14.51 -24.14 -15.62
N GLY A 183 14.00 -23.77 -14.45
CA GLY A 183 14.60 -24.20 -13.20
C GLY A 183 15.56 -23.21 -12.57
N ASP A 184 15.88 -22.13 -13.29
CA ASP A 184 16.82 -21.13 -12.79
C ASP A 184 16.13 -20.04 -11.98
N TYR A 185 15.98 -20.28 -10.68
CA TYR A 185 15.29 -19.34 -9.80
C TYR A 185 16.12 -18.10 -9.49
N GLU A 186 17.39 -18.10 -9.92
CA GLU A 186 18.29 -17.02 -9.56
C GLU A 186 18.41 -15.95 -10.64
N LEU A 187 17.80 -16.21 -11.80
CA LEU A 187 17.92 -15.33 -12.97
C LEU A 187 17.67 -13.86 -12.65
N GLU A 188 16.48 -13.56 -12.11
CA GLU A 188 16.12 -12.20 -11.76
C GLU A 188 17.12 -11.57 -10.79
N PHE A 189 17.62 -12.38 -9.87
CA PHE A 189 18.51 -11.89 -8.82
C PHE A 189 19.91 -11.62 -9.36
N GLU A 190 20.39 -12.50 -10.23
CA GLU A 190 21.69 -12.30 -10.86
C GLU A 190 21.65 -11.11 -11.80
N TYR A 191 20.48 -10.84 -12.38
CA TYR A 191 20.31 -9.66 -13.22
C TYR A 191 20.54 -8.39 -12.41
N ILE A 192 19.91 -8.32 -11.24
CA ILE A 192 20.07 -7.19 -10.35
C ILE A 192 21.52 -7.03 -9.88
N LYS A 193 22.14 -8.14 -9.51
CA LYS A 193 23.52 -8.13 -9.05
C LYS A 193 24.50 -7.65 -10.11
N ASP A 194 24.41 -8.20 -11.32
CA ASP A 194 25.34 -7.83 -12.39
C ASP A 194 25.15 -6.39 -12.83
N LEU A 195 23.93 -5.89 -12.68
CA LEU A 195 23.60 -4.53 -13.11
C LEU A 195 24.02 -3.50 -12.06
N THR A 196 23.62 -3.73 -10.81
CA THR A 196 23.77 -2.74 -9.75
C THR A 196 24.95 -2.99 -8.84
N GLY A 197 25.43 -4.24 -8.80
CA GLY A 197 26.48 -4.61 -7.88
C GLY A 197 25.92 -5.04 -6.54
N LYS A 198 24.59 -5.00 -6.42
CA LYS A 198 23.91 -5.34 -5.17
C LYS A 198 22.91 -6.47 -5.36
N TYR A 199 22.60 -7.17 -4.28
CA TYR A 199 21.46 -8.08 -4.23
C TYR A 199 20.31 -7.42 -3.46
N PRO A 200 19.07 -7.76 -3.80
CA PRO A 200 17.96 -7.30 -2.97
C PRO A 200 18.03 -7.94 -1.58
N ALA A 201 17.57 -7.22 -0.56
CA ALA A 201 17.62 -7.75 0.80
C ALA A 201 16.46 -8.73 1.03
N ILE A 202 15.30 -8.39 0.50
CA ILE A 202 14.10 -9.21 0.65
C ILE A 202 13.87 -10.06 -0.59
N ARG A 203 13.58 -11.33 -0.40
CA ARG A 203 13.23 -12.21 -1.51
C ARG A 203 11.79 -12.68 -1.36
N GLY A 204 11.02 -12.61 -2.44
CA GLY A 204 9.63 -12.99 -2.43
C GLY A 204 9.42 -14.41 -2.94
N PHE A 205 8.62 -15.18 -2.21
CA PHE A 205 8.34 -16.57 -2.56
C PHE A 205 6.83 -16.78 -2.69
N ASP A 206 6.42 -18.01 -2.97
CA ASP A 206 5.00 -18.36 -3.03
C ASP A 206 4.81 -19.85 -2.81
N PHE A 207 3.81 -20.20 -2.00
CA PHE A 207 3.58 -21.59 -1.61
C PHE A 207 2.43 -22.25 -2.37
N MET A 208 2.08 -21.71 -3.53
CA MET A 208 0.90 -22.16 -4.26
C MET A 208 0.97 -23.62 -4.69
N ASN A 209 2.17 -24.14 -4.95
CA ASN A 209 2.30 -25.48 -5.49
C ASN A 209 2.23 -26.59 -4.44
N TYR A 210 2.16 -26.20 -3.17
CA TYR A 210 1.91 -27.16 -2.10
C TYR A 210 0.41 -27.25 -1.85
N ASN A 211 -0.34 -27.68 -2.86
CA ASN A 211 -1.81 -27.68 -2.79
C ASN A 211 -2.39 -29.10 -2.98
N PRO A 212 -3.66 -29.29 -2.61
CA PRO A 212 -4.26 -30.64 -2.71
C PRO A 212 -4.75 -31.04 -4.10
N LEU A 213 -4.59 -30.18 -5.10
CA LEU A 213 -5.16 -30.41 -6.42
C LEU A 213 -4.14 -30.93 -7.43
N TYR A 214 -3.02 -30.23 -7.54
CA TYR A 214 -1.96 -30.59 -8.47
C TYR A 214 -0.61 -30.43 -7.79
N GLY A 215 -0.61 -30.58 -6.47
CA GLY A 215 0.55 -30.29 -5.65
C GLY A 215 1.80 -31.05 -5.99
N TRP A 216 2.93 -30.36 -5.89
CA TRP A 216 4.24 -30.98 -6.05
C TRP A 216 5.24 -30.25 -5.16
N ASP A 217 6.52 -30.52 -5.37
CA ASP A 217 7.57 -29.94 -4.53
C ASP A 217 8.49 -29.05 -5.38
N ASP A 218 8.21 -27.75 -5.41
CA ASP A 218 9.03 -26.83 -6.22
C ASP A 218 10.20 -26.27 -5.42
N GLN A 219 10.46 -26.87 -4.27
CA GLN A 219 11.63 -26.54 -3.44
C GLN A 219 11.63 -25.11 -2.90
N THR A 220 10.46 -24.50 -2.79
CA THR A 220 10.34 -23.15 -2.25
C THR A 220 10.88 -23.07 -0.83
N THR A 221 10.47 -24.02 0.02
CA THR A 221 10.87 -24.05 1.42
C THR A 221 12.38 -24.10 1.59
N GLU A 222 13.04 -24.92 0.77
CA GLU A 222 14.50 -25.00 0.79
C GLU A 222 15.12 -23.67 0.39
N ARG A 223 14.57 -23.02 -0.63
CA ARG A 223 15.12 -21.74 -1.09
C ARG A 223 14.90 -20.63 -0.06
N VAL A 224 13.79 -20.71 0.68
CA VAL A 224 13.55 -19.76 1.76
C VAL A 224 14.60 -19.92 2.85
N ILE A 225 14.86 -21.16 3.23
CA ILE A 225 15.88 -21.48 4.22
C ILE A 225 17.25 -21.01 3.75
N GLU A 226 17.55 -21.29 2.49
CA GLU A 226 18.83 -20.88 1.89
C GLU A 226 18.99 -19.37 1.96
N TRP A 227 17.95 -18.64 1.57
CA TRP A 227 18.00 -17.18 1.53
C TRP A 227 18.24 -16.59 2.92
N VAL A 228 17.51 -17.08 3.91
CA VAL A 228 17.58 -16.53 5.26
C VAL A 228 18.80 -17.04 6.03
N LYS A 229 18.94 -18.36 6.12
CA LYS A 229 19.94 -18.97 6.99
C LYS A 229 21.36 -18.95 6.39
N GLU A 230 21.46 -18.95 5.07
CA GLU A 230 22.78 -19.02 4.43
C GLU A 230 23.21 -17.71 3.81
N ARG A 231 22.27 -16.91 3.31
CA ARG A 231 22.62 -15.64 2.69
C ARG A 231 22.32 -14.44 3.58
N GLY A 232 21.63 -14.68 4.69
CA GLY A 232 21.34 -13.64 5.66
C GLY A 232 20.28 -12.67 5.20
N GLY A 233 19.41 -13.13 4.31
CA GLY A 233 18.37 -12.27 3.76
C GLY A 233 17.05 -12.35 4.50
N ILE A 234 16.08 -11.57 4.03
CA ILE A 234 14.74 -11.54 4.58
C ILE A 234 13.77 -12.19 3.61
N ALA A 235 12.88 -13.03 4.11
CA ALA A 235 11.94 -13.73 3.23
C ALA A 235 10.52 -13.22 3.38
N THR A 236 9.84 -13.03 2.25
CA THR A 236 8.41 -12.78 2.25
C THR A 236 7.74 -13.80 1.30
N ALA A 237 6.48 -14.13 1.56
CA ALA A 237 5.82 -15.10 0.69
C ALA A 237 4.31 -14.88 0.59
N SER A 238 3.81 -14.99 -0.63
CA SER A 238 2.37 -14.99 -0.87
C SER A 238 1.88 -16.43 -1.02
N TRP A 239 0.59 -16.60 -1.31
CA TRP A 239 0.00 -17.94 -1.35
C TRP A 239 -1.13 -17.98 -2.37
N HIS A 240 -0.78 -18.14 -3.65
CA HIS A 240 -1.78 -18.19 -4.72
C HIS A 240 -2.52 -19.52 -4.74
N ILE A 241 -3.20 -19.84 -3.64
CA ILE A 241 -3.90 -21.12 -3.53
C ILE A 241 -5.12 -21.16 -4.46
N ASN A 242 -5.12 -22.14 -5.37
CA ASN A 242 -6.21 -22.31 -6.32
C ASN A 242 -7.37 -23.13 -5.78
N VAL A 243 -8.53 -22.98 -6.41
CA VAL A 243 -9.67 -23.85 -6.15
C VAL A 243 -10.06 -24.49 -7.49
N PRO A 244 -10.76 -25.64 -7.45
CA PRO A 244 -11.25 -26.20 -8.70
C PRO A 244 -12.26 -25.27 -9.38
N LYS A 245 -12.15 -25.10 -10.69
CA LYS A 245 -13.12 -24.30 -11.43
C LYS A 245 -14.51 -24.92 -11.32
N ASP A 246 -14.57 -26.21 -11.64
CA ASP A 246 -15.80 -26.98 -11.51
C ASP A 246 -15.85 -27.66 -10.15
N PHE A 247 -16.32 -26.95 -9.14
CA PHE A 247 -16.29 -27.44 -7.77
C PHE A 247 -17.46 -28.36 -7.46
N ASP A 248 -18.50 -28.31 -8.30
CA ASP A 248 -19.68 -29.15 -8.10
C ASP A 248 -19.35 -30.63 -8.27
N SER A 249 -18.53 -30.95 -9.26
CA SER A 249 -18.18 -32.34 -9.55
C SER A 249 -16.95 -32.78 -8.77
N TYR A 250 -16.25 -31.83 -8.16
CA TYR A 250 -15.07 -32.12 -7.39
C TYR A 250 -15.39 -32.91 -6.12
N GLU A 251 -14.54 -33.89 -5.81
CA GLU A 251 -14.60 -34.58 -4.53
C GLU A 251 -13.21 -34.56 -3.90
N LEU A 252 -13.15 -34.60 -2.57
CA LEU A 252 -11.89 -34.54 -1.86
C LEU A 252 -10.95 -35.66 -2.30
N GLY A 253 -9.71 -35.31 -2.63
CA GLY A 253 -8.74 -36.30 -3.05
C GLY A 253 -8.61 -36.39 -4.56
N ASP A 254 -9.49 -35.71 -5.28
CA ASP A 254 -9.45 -35.72 -6.74
C ASP A 254 -8.20 -35.02 -7.26
N LYS A 255 -7.56 -35.64 -8.25
CA LYS A 255 -6.49 -34.99 -8.99
C LYS A 255 -7.08 -34.05 -10.02
N VAL A 256 -6.79 -32.76 -9.88
CA VAL A 256 -7.28 -31.76 -10.83
C VAL A 256 -6.11 -31.03 -11.48
N ASP A 257 -6.00 -31.15 -12.80
CA ASP A 257 -4.95 -30.44 -13.54
C ASP A 257 -5.05 -28.95 -13.27
N TRP A 258 -3.91 -28.27 -13.20
CA TRP A 258 -3.89 -26.85 -12.85
C TRP A 258 -4.67 -26.01 -13.86
N GLN A 259 -4.78 -26.50 -15.09
CA GLN A 259 -5.55 -25.82 -16.12
C GLN A 259 -7.03 -25.78 -15.76
N GLN A 260 -7.46 -26.73 -14.93
CA GLN A 260 -8.85 -26.78 -14.48
C GLN A 260 -9.00 -26.17 -13.10
N CYS A 261 -7.96 -25.49 -12.64
CA CYS A 261 -8.00 -24.78 -11.38
C CYS A 261 -7.91 -23.28 -11.61
N THR A 262 -8.27 -22.50 -10.60
CA THR A 262 -8.21 -21.05 -10.71
C THR A 262 -8.05 -20.40 -9.34
N TYR A 263 -7.43 -19.23 -9.30
CA TYR A 263 -7.43 -18.43 -8.09
C TYR A 263 -8.37 -17.24 -8.28
N ALA A 264 -9.01 -17.19 -9.44
CA ALA A 264 -9.85 -16.05 -9.82
C ALA A 264 -11.28 -16.24 -9.32
N THR A 265 -12.19 -15.43 -9.87
CA THR A 265 -13.59 -15.42 -9.42
C THR A 265 -14.51 -16.16 -10.38
N SER A 266 -13.95 -17.15 -11.08
CA SER A 266 -14.68 -17.86 -12.12
C SER A 266 -15.12 -19.26 -11.69
N SER A 267 -14.92 -19.59 -10.42
CA SER A 267 -15.25 -20.93 -9.93
C SER A 267 -16.63 -20.99 -9.29
N THR A 268 -17.19 -22.20 -9.22
CA THR A 268 -18.46 -22.43 -8.55
C THR A 268 -18.23 -22.65 -7.05
N PHE A 269 -16.96 -22.67 -6.65
CA PHE A 269 -16.56 -22.68 -5.25
C PHE A 269 -17.21 -21.51 -4.52
N LYS A 270 -18.03 -21.82 -3.52
CA LYS A 270 -18.70 -20.77 -2.74
C LYS A 270 -17.75 -20.22 -1.69
N THR A 271 -17.24 -19.01 -1.94
CA THR A 271 -16.21 -18.40 -1.10
C THR A 271 -16.61 -18.33 0.37
N ALA A 272 -17.84 -17.87 0.63
CA ALA A 272 -18.31 -17.70 2.00
C ALA A 272 -18.36 -19.02 2.78
N ASP A 273 -18.51 -20.12 2.06
CA ASP A 273 -18.66 -21.42 2.72
C ASP A 273 -17.35 -22.05 3.16
N CYS A 274 -16.22 -21.49 2.72
CA CYS A 274 -14.93 -22.08 3.05
C CYS A 274 -14.64 -22.01 4.54
N ILE A 275 -15.37 -21.15 5.26
CA ILE A 275 -15.23 -21.05 6.70
C ILE A 275 -16.46 -21.59 7.42
N LYS A 276 -17.28 -22.35 6.71
CA LYS A 276 -18.48 -22.93 7.29
C LYS A 276 -18.35 -24.44 7.46
N LYS A 277 -18.42 -24.89 8.71
CA LYS A 277 -18.33 -26.29 9.07
C LYS A 277 -19.31 -27.17 8.29
N GLY A 278 -18.82 -28.29 7.77
CA GLY A 278 -19.69 -29.28 7.15
C GLY A 278 -19.84 -29.13 5.65
N THR A 279 -19.12 -28.17 5.07
CA THR A 279 -19.17 -27.94 3.63
C THR A 279 -17.91 -28.46 2.94
N LYS A 280 -18.04 -28.80 1.67
CA LYS A 280 -16.90 -29.25 0.88
C LYS A 280 -15.90 -28.11 0.69
N GLU A 281 -16.40 -26.88 0.63
CA GLU A 281 -15.55 -25.70 0.57
C GLU A 281 -14.62 -25.65 1.78
N ASN A 282 -15.20 -25.89 2.96
CA ASN A 282 -14.43 -25.86 4.20
C ASN A 282 -13.44 -27.01 4.28
N ASP A 283 -13.85 -28.19 3.82
CA ASP A 283 -12.97 -29.35 3.81
C ASP A 283 -11.77 -29.14 2.90
N TYR A 284 -12.00 -28.57 1.71
CA TYR A 284 -10.91 -28.28 0.80
C TYR A 284 -9.97 -27.22 1.39
N TRP A 285 -10.58 -26.13 1.87
CA TRP A 285 -9.85 -25.02 2.46
C TRP A 285 -8.95 -25.51 3.59
N ASN A 286 -9.48 -26.40 4.43
CA ASN A 286 -8.71 -26.99 5.51
C ASN A 286 -7.54 -27.85 5.03
N GLU A 287 -7.75 -28.60 3.95
CA GLU A 287 -6.69 -29.41 3.37
C GLU A 287 -5.57 -28.52 2.82
N ALA A 288 -5.95 -27.43 2.17
CA ALA A 288 -4.97 -26.49 1.63
C ALA A 288 -4.18 -25.81 2.76
N ILE A 289 -4.88 -25.45 3.83
CA ILE A 289 -4.23 -24.86 4.99
C ILE A 289 -3.25 -25.85 5.63
N LYS A 290 -3.66 -27.11 5.68
CA LYS A 290 -2.84 -28.18 6.25
C LYS A 290 -1.52 -28.32 5.49
N MET A 291 -1.60 -28.32 4.16
CA MET A 291 -0.41 -28.48 3.33
C MET A 291 0.50 -27.25 3.42
N LEU A 292 -0.12 -26.08 3.54
CA LEU A 292 0.62 -24.85 3.77
C LEU A 292 1.33 -24.89 5.12
N ALA A 293 0.58 -25.26 6.17
CA ALA A 293 1.12 -25.26 7.53
C ALA A 293 2.29 -26.23 7.65
N GLU A 294 2.22 -27.32 6.89
CA GLU A 294 3.28 -28.32 6.87
C GLU A 294 4.61 -27.69 6.46
N GLN A 295 4.55 -26.83 5.47
CA GLN A 295 5.76 -26.14 4.99
C GLN A 295 6.20 -25.04 5.95
N LEU A 296 5.25 -24.30 6.49
CA LEU A 296 5.55 -23.23 7.43
C LEU A 296 6.16 -23.78 8.73
N GLN A 297 5.77 -24.99 9.09
CA GLN A 297 6.28 -25.65 10.28
C GLN A 297 7.76 -25.99 10.10
N ARG A 298 8.13 -26.41 8.89
CA ARG A 298 9.52 -26.69 8.57
C ARG A 298 10.37 -25.44 8.77
N LEU A 299 9.84 -24.29 8.35
CA LEU A 299 10.51 -23.01 8.56
C LEU A 299 10.64 -22.74 10.05
N GLN A 300 9.56 -22.94 10.80
CA GLN A 300 9.59 -22.70 12.25
C GLN A 300 10.58 -23.65 12.92
N ASP A 301 10.61 -24.89 12.47
CA ASP A 301 11.57 -25.88 12.98
C ASP A 301 13.01 -25.40 12.83
N GLU A 302 13.30 -24.77 11.70
CA GLU A 302 14.65 -24.29 11.43
C GLU A 302 14.82 -22.83 11.82
N LYS A 303 13.89 -22.33 12.64
CA LYS A 303 13.94 -20.98 13.20
C LYS A 303 14.00 -19.91 12.11
N VAL A 304 13.18 -20.06 11.10
CA VAL A 304 13.11 -19.09 10.00
C VAL A 304 11.82 -18.27 10.08
N PRO A 305 11.96 -16.96 10.29
CA PRO A 305 10.83 -16.04 10.28
C PRO A 305 10.41 -15.72 8.85
N LEU A 306 9.16 -15.33 8.65
CA LEU A 306 8.63 -15.08 7.32
C LEU A 306 7.62 -13.93 7.32
N ILE A 307 7.80 -12.98 6.41
CA ILE A 307 6.75 -11.99 6.17
C ILE A 307 5.69 -12.66 5.30
N PHE A 308 4.65 -13.16 5.96
CA PHE A 308 3.63 -13.96 5.29
C PHE A 308 2.48 -13.11 4.81
N ARG A 309 2.23 -13.13 3.50
CA ARG A 309 1.20 -12.29 2.88
C ARG A 309 0.15 -13.14 2.18
N PRO A 310 -0.69 -13.85 2.96
CA PRO A 310 -1.73 -14.67 2.35
C PRO A 310 -2.92 -13.81 1.97
N LEU A 311 -3.86 -14.38 1.19
CA LEU A 311 -5.14 -13.72 0.92
C LEU A 311 -4.94 -12.29 0.46
N HIS A 312 -4.01 -12.09 -0.47
CA HIS A 312 -3.56 -10.76 -0.85
C HIS A 312 -4.43 -10.12 -1.92
N GLU A 313 -4.24 -8.82 -2.12
CA GLU A 313 -4.98 -8.04 -3.11
C GLU A 313 -6.49 -8.28 -3.03
N ALA A 314 -7.00 -8.36 -1.80
CA ALA A 314 -8.36 -8.82 -1.54
C ALA A 314 -9.44 -8.00 -2.25
N GLU A 315 -9.43 -6.68 -2.05
CA GLU A 315 -10.47 -5.83 -2.61
C GLU A 315 -10.45 -5.84 -4.14
N GLY A 316 -9.25 -5.86 -4.71
CA GLY A 316 -9.10 -5.71 -6.15
C GLY A 316 -9.50 -4.30 -6.55
N ASN A 317 -10.41 -4.18 -7.51
CA ASN A 317 -10.94 -2.88 -7.88
C ASN A 317 -12.02 -2.45 -6.88
N VAL A 318 -12.24 -1.14 -6.78
CA VAL A 318 -13.04 -0.56 -5.72
C VAL A 318 -14.41 -1.23 -5.52
N ASN A 319 -14.61 -1.75 -4.31
CA ASN A 319 -15.85 -2.42 -3.92
C ASN A 319 -15.81 -2.84 -2.46
N THR A 320 -16.97 -3.26 -1.93
CA THR A 320 -17.02 -3.92 -0.64
C THR A 320 -17.92 -5.15 -0.71
N ASP A 321 -18.64 -5.30 -1.81
CA ASP A 321 -19.59 -6.39 -1.96
C ASP A 321 -19.00 -7.59 -2.70
N GLY A 322 -17.76 -7.47 -3.17
CA GLY A 322 -17.08 -8.57 -3.82
C GLY A 322 -17.01 -8.45 -5.33
N SER A 323 -17.77 -7.51 -5.88
CA SER A 323 -17.91 -7.37 -7.33
C SER A 323 -16.63 -6.91 -8.04
N GLY A 324 -15.69 -6.36 -7.28
CA GLY A 324 -14.47 -5.84 -7.87
C GLY A 324 -13.25 -6.72 -7.65
N ALA A 325 -13.42 -7.76 -6.85
CA ALA A 325 -12.30 -8.65 -6.50
C ALA A 325 -11.90 -9.51 -7.70
N TRP A 326 -10.60 -9.83 -7.78
CA TRP A 326 -10.14 -10.72 -8.84
C TRP A 326 -9.61 -12.04 -8.29
N PHE A 327 -9.45 -12.12 -6.98
CA PHE A 327 -9.11 -13.38 -6.32
C PHE A 327 -10.36 -13.95 -5.64
N TRP A 328 -10.46 -15.27 -5.54
CA TRP A 328 -11.68 -15.90 -5.06
C TRP A 328 -12.00 -15.53 -3.61
N TRP A 329 -10.97 -15.26 -2.81
CA TRP A 329 -11.20 -14.97 -1.39
C TRP A 329 -11.83 -13.60 -1.14
N GLY A 330 -11.94 -12.78 -2.19
CA GLY A 330 -12.56 -11.47 -2.06
C GLY A 330 -13.92 -11.41 -2.72
N LYS A 331 -14.32 -12.53 -3.32
CA LYS A 331 -15.52 -12.61 -4.15
C LYS A 331 -16.81 -12.39 -3.36
N ALA A 332 -16.78 -12.69 -2.07
CA ALA A 332 -17.98 -12.60 -1.23
C ALA A 332 -18.06 -11.28 -0.45
N GLY A 333 -17.12 -10.37 -0.73
CA GLY A 333 -17.15 -9.06 -0.09
C GLY A 333 -16.19 -8.90 1.07
N ALA A 334 -16.08 -7.66 1.56
CA ALA A 334 -15.12 -7.32 2.60
C ALA A 334 -15.36 -8.05 3.91
N LYS A 335 -16.62 -8.06 4.36
CA LYS A 335 -16.97 -8.67 5.64
C LYS A 335 -16.61 -10.15 5.67
N THR A 336 -17.01 -10.87 4.63
CA THR A 336 -16.70 -12.30 4.53
C THR A 336 -15.19 -12.50 4.44
N TYR A 337 -14.51 -11.64 3.68
CA TYR A 337 -13.07 -11.75 3.53
C TYR A 337 -12.34 -11.65 4.86
N VAL A 338 -12.71 -10.66 5.67
CA VAL A 338 -12.08 -10.46 6.96
C VAL A 338 -12.25 -11.69 7.84
N GLU A 339 -13.45 -12.30 7.78
CA GLU A 339 -13.72 -13.52 8.52
C GLU A 339 -12.81 -14.66 8.05
N ILE A 340 -12.55 -14.72 6.75
CA ILE A 340 -11.65 -15.74 6.19
C ILE A 340 -10.22 -15.52 6.68
N TRP A 341 -9.78 -14.26 6.69
CA TRP A 341 -8.46 -13.93 7.22
C TRP A 341 -8.30 -14.35 8.67
N LYS A 342 -9.30 -14.02 9.48
CA LYS A 342 -9.29 -14.40 10.89
C LYS A 342 -9.27 -15.91 11.05
N TYR A 343 -10.00 -16.60 10.18
CA TYR A 343 -10.03 -18.06 10.18
C TYR A 343 -8.63 -18.63 9.98
N LEU A 344 -7.94 -18.14 8.95
CA LEU A 344 -6.60 -18.61 8.63
C LEU A 344 -5.62 -18.28 9.76
N TYR A 345 -5.72 -17.05 10.27
CA TYR A 345 -4.87 -16.60 11.37
C TYR A 345 -5.03 -17.48 12.59
N ASP A 346 -6.28 -17.75 12.96
CA ASP A 346 -6.56 -18.58 14.12
C ASP A 346 -6.12 -20.03 13.90
N LYS A 347 -6.35 -20.55 12.69
CA LYS A 347 -5.98 -21.91 12.36
C LYS A 347 -4.47 -22.12 12.45
N LEU A 348 -3.70 -21.22 11.84
CA LEU A 348 -2.24 -21.37 11.81
C LEU A 348 -1.61 -21.17 13.18
N THR A 349 -2.08 -20.18 13.93
CA THR A 349 -1.45 -19.85 15.22
C THR A 349 -1.90 -20.78 16.34
N ASN A 350 -3.17 -21.17 16.34
CA ASN A 350 -3.69 -22.00 17.43
C ASN A 350 -3.61 -23.50 17.14
N GLU A 351 -4.25 -23.93 16.06
CA GLU A 351 -4.31 -25.35 15.75
C GLU A 351 -2.96 -25.90 15.28
N TYR A 352 -2.22 -25.11 14.53
CA TYR A 352 -0.93 -25.57 14.00
C TYR A 352 0.26 -25.00 14.76
N ASP A 353 -0.03 -24.17 15.75
CA ASP A 353 0.98 -23.63 16.66
C ASP A 353 2.14 -22.94 15.92
N LEU A 354 1.79 -22.21 14.86
CA LEU A 354 2.78 -21.47 14.09
C LEU A 354 2.85 -20.02 14.58
N HIS A 355 4.05 -19.57 14.93
CA HIS A 355 4.22 -18.23 15.50
C HIS A 355 5.41 -17.49 14.92
N ASN A 356 5.95 -18.01 13.82
CA ASN A 356 7.12 -17.44 13.18
C ASN A 356 6.75 -16.50 12.04
N LEU A 357 5.49 -16.08 12.01
CA LEU A 357 4.97 -15.32 10.88
C LEU A 357 4.74 -13.85 11.19
N ILE A 358 5.12 -13.01 10.25
CA ILE A 358 4.77 -11.59 10.28
C ILE A 358 3.64 -11.37 9.28
N TRP A 359 2.44 -11.18 9.80
CA TRP A 359 1.25 -11.16 8.96
C TRP A 359 1.09 -9.84 8.21
N GLU A 360 1.28 -9.89 6.90
CA GLU A 360 1.12 -8.70 6.06
C GLU A 360 -0.17 -8.79 5.25
N GLN A 361 -1.05 -7.81 5.43
CA GLN A 361 -2.30 -7.77 4.70
C GLN A 361 -2.30 -6.61 3.70
N ASN A 362 -2.69 -6.90 2.47
CA ASN A 362 -2.84 -5.87 1.46
C ASN A 362 -4.04 -4.99 1.76
N LEU A 363 -3.90 -3.70 1.48
CA LEU A 363 -5.04 -2.78 1.46
C LEU A 363 -4.91 -1.93 0.21
N TYR A 364 -6.04 -1.43 -0.27
CA TYR A 364 -6.02 -0.44 -1.33
C TYR A 364 -6.48 0.90 -0.78
N ALA A 365 -6.42 1.94 -1.61
CA ALA A 365 -6.78 3.28 -1.17
C ALA A 365 -7.76 3.94 -2.12
N TRP A 366 -8.62 3.14 -2.75
CA TRP A 366 -9.57 3.65 -3.72
C TRP A 366 -10.55 4.64 -3.09
N SER A 367 -11.02 4.30 -1.90
CA SER A 367 -12.02 5.10 -1.20
C SER A 367 -11.90 4.84 0.30
N PRO A 368 -12.59 5.63 1.13
CA PRO A 368 -12.59 5.33 2.57
C PRO A 368 -13.07 3.91 2.89
N ASP A 369 -13.96 3.37 2.07
CA ASP A 369 -14.50 2.03 2.30
C ASP A 369 -13.47 0.92 2.10
N SER A 370 -12.32 1.28 1.54
CA SER A 370 -11.25 0.30 1.34
C SER A 370 -10.74 -0.26 2.67
N ILE A 371 -11.02 0.47 3.75
CA ILE A 371 -10.57 0.05 5.09
C ILE A 371 -11.42 -1.11 5.61
N GLN A 372 -12.55 -1.38 4.96
CA GLN A 372 -13.42 -2.47 5.39
C GLN A 372 -12.79 -3.84 5.10
N TRP A 373 -11.69 -3.83 4.34
CA TRP A 373 -10.96 -5.06 4.04
C TRP A 373 -9.81 -5.28 5.02
N TYR A 374 -9.72 -4.42 6.02
CA TYR A 374 -8.69 -4.54 7.06
C TYR A 374 -9.19 -5.43 8.20
N ALA A 375 -8.38 -6.43 8.57
CA ALA A 375 -8.80 -7.41 9.55
C ALA A 375 -8.63 -6.95 11.00
N GLY A 376 -8.00 -5.79 11.19
CA GLY A 376 -7.85 -5.23 12.52
C GLY A 376 -6.45 -5.36 13.09
N ASP A 377 -6.14 -4.49 14.06
CA ASP A 377 -4.80 -4.42 14.63
C ASP A 377 -4.33 -5.73 15.28
N GLU A 378 -5.28 -6.53 15.75
CA GLU A 378 -4.94 -7.74 16.48
C GLU A 378 -4.73 -8.94 15.56
N TYR A 379 -4.93 -8.74 14.25
CA TYR A 379 -4.78 -9.82 13.28
C TYR A 379 -3.78 -9.52 12.17
N VAL A 380 -3.19 -8.33 12.19
CA VAL A 380 -2.30 -7.88 11.12
C VAL A 380 -1.04 -7.23 11.69
N ASP A 381 0.11 -7.51 11.09
CA ASP A 381 1.39 -6.96 11.56
C ASP A 381 2.00 -5.95 10.60
N MET A 382 1.47 -5.87 9.38
CA MET A 382 2.04 -5.02 8.35
C MET A 382 1.01 -4.80 7.24
N ILE A 383 1.02 -3.61 6.65
CA ILE A 383 0.16 -3.32 5.52
C ILE A 383 0.96 -3.30 4.22
N GLY A 384 0.50 -4.07 3.23
CA GLY A 384 1.15 -4.08 1.94
C GLY A 384 0.33 -3.35 0.89
N TYR A 385 1.01 -2.67 -0.02
CA TYR A 385 0.32 -2.08 -1.17
C TYR A 385 0.95 -2.59 -2.46
N ASP A 386 0.13 -3.11 -3.35
CA ASP A 386 0.60 -3.61 -4.63
C ASP A 386 0.40 -2.56 -5.71
N LYS A 387 1.49 -1.92 -6.10
CA LYS A 387 1.43 -0.74 -6.96
C LYS A 387 1.79 -1.04 -8.41
N TYR A 388 0.77 -1.20 -9.24
CA TYR A 388 0.98 -1.38 -10.67
C TYR A 388 0.41 -0.18 -11.40
N ASN A 389 1.27 0.79 -11.70
CA ASN A 389 0.81 2.05 -12.27
C ASN A 389 1.50 2.43 -13.58
N THR A 390 1.97 1.44 -14.34
CA THR A 390 2.57 1.73 -15.63
C THR A 390 1.54 1.65 -16.75
N VAL A 391 0.43 0.96 -16.48
CA VAL A 391 -0.63 0.82 -17.46
C VAL A 391 -1.92 1.45 -16.95
N TYR A 392 -2.56 0.78 -15.99
CA TYR A 392 -3.73 1.34 -15.34
C TYR A 392 -3.33 2.16 -14.12
N ASN A 393 -4.24 2.98 -13.63
CA ASN A 393 -4.01 3.82 -12.45
C ASN A 393 -2.75 4.67 -12.57
N ARG A 394 -2.50 5.17 -13.78
CA ARG A 394 -1.30 5.95 -14.03
C ARG A 394 -1.60 7.46 -14.04
N HIS A 395 -0.90 8.20 -13.18
CA HIS A 395 -1.16 9.62 -13.01
C HIS A 395 0.11 10.47 -13.02
N ASP A 396 1.16 9.97 -13.67
CA ASP A 396 2.45 10.66 -13.66
C ASP A 396 2.62 11.54 -14.91
N GLY A 397 1.61 11.56 -15.77
CA GLY A 397 1.65 12.38 -16.96
C GLY A 397 2.20 11.64 -18.17
N LYS A 398 2.48 10.36 -17.98
CA LYS A 398 2.96 9.50 -19.07
C LYS A 398 1.98 8.38 -19.37
N THR A 399 2.18 7.70 -20.49
CA THR A 399 1.37 6.55 -20.85
C THR A 399 2.20 5.27 -20.79
N SER A 400 3.42 5.34 -21.32
CA SER A 400 4.30 4.18 -21.37
C SER A 400 5.58 4.41 -20.57
N GLY A 401 6.34 3.35 -20.36
CA GLY A 401 7.62 3.45 -19.68
C GLY A 401 7.48 3.47 -18.17
N PRO A 402 8.62 3.54 -17.47
CA PRO A 402 8.65 3.53 -16.00
C PRO A 402 7.82 4.65 -15.38
N ASN A 403 7.10 4.31 -14.33
CA ASN A 403 6.37 5.28 -13.52
C ASN A 403 7.15 5.49 -12.23
N LEU A 404 7.85 6.62 -12.12
CA LEU A 404 8.72 6.88 -10.99
C LEU A 404 8.01 7.58 -9.82
N ASP A 405 6.69 7.72 -9.93
CA ASP A 405 5.87 8.37 -8.91
C ASP A 405 5.99 7.67 -7.56
N ALA A 406 6.15 8.44 -6.50
CA ALA A 406 6.26 7.88 -5.16
C ALA A 406 4.91 7.46 -4.60
N GLU A 407 3.83 7.90 -5.26
CA GLU A 407 2.47 7.65 -4.82
C GLU A 407 2.28 7.98 -3.34
N THR A 408 2.85 9.11 -2.94
CA THR A 408 2.81 9.57 -1.55
C THR A 408 1.39 9.67 -0.96
N PRO A 409 0.41 10.20 -1.73
CA PRO A 409 -0.95 10.21 -1.17
C PRO A 409 -1.47 8.82 -0.79
N ILE A 410 -1.13 7.79 -1.56
CA ILE A 410 -1.54 6.43 -1.24
C ILE A 410 -0.91 5.98 0.07
N PHE A 411 0.37 6.29 0.23
CA PHE A 411 1.07 5.92 1.45
C PHE A 411 0.39 6.51 2.69
N TYR A 412 0.09 7.80 2.65
CA TYR A 412 -0.47 8.45 3.84
C TYR A 412 -1.95 8.15 4.03
N THR A 413 -2.65 7.79 2.96
CA THR A 413 -4.02 7.31 3.09
C THR A 413 -4.04 5.99 3.86
N LEU A 414 -3.15 5.08 3.47
CA LEU A 414 -3.01 3.81 4.16
C LEU A 414 -2.52 4.00 5.59
N LEU A 415 -1.63 4.96 5.80
CA LEU A 415 -1.10 5.24 7.13
C LEU A 415 -2.20 5.68 8.09
N ASN A 416 -3.05 6.59 7.61
CA ASN A 416 -4.14 7.07 8.43
C ASN A 416 -5.22 6.02 8.62
N PHE A 417 -5.35 5.10 7.67
CA PHE A 417 -6.25 3.96 7.82
C PHE A 417 -5.95 3.19 9.11
N VAL A 418 -4.68 2.88 9.31
CA VAL A 418 -4.26 2.13 10.49
C VAL A 418 -3.76 3.03 11.61
N GLU A 419 -3.93 4.35 11.43
CA GLU A 419 -3.51 5.33 12.43
C GLU A 419 -2.04 5.19 12.80
N ASN A 420 -1.21 4.94 11.78
CA ASN A 420 0.23 4.74 11.96
C ASN A 420 0.59 3.70 13.02
N LYS A 421 -0.24 2.65 13.11
CA LYS A 421 0.03 1.58 14.07
C LYS A 421 0.66 0.37 13.38
N LYS A 422 0.65 0.37 12.06
CA LYS A 422 1.30 -0.68 11.28
C LYS A 422 2.22 -0.07 10.24
N MET A 423 3.34 -0.74 9.99
CA MET A 423 4.25 -0.31 8.93
C MET A 423 3.63 -0.58 7.56
N ILE A 424 3.97 0.24 6.58
CA ILE A 424 3.40 0.14 5.25
C ILE A 424 4.47 -0.06 4.20
N SER A 425 4.22 -0.96 3.26
CA SER A 425 5.22 -1.28 2.25
C SER A 425 4.64 -1.40 0.84
N LEU A 426 5.52 -1.43 -0.15
CA LEU A 426 5.14 -1.79 -1.51
C LEU A 426 5.38 -3.28 -1.69
N ALA A 427 4.38 -4.09 -1.34
CA ALA A 427 4.51 -5.55 -1.35
C ALA A 427 4.73 -6.09 -2.76
N GLU A 428 4.14 -5.41 -3.74
CA GLU A 428 4.36 -5.70 -5.16
C GLU A 428 4.37 -4.41 -5.96
N ASN A 429 5.09 -4.41 -7.07
CA ASN A 429 5.03 -3.29 -8.00
C ASN A 429 5.53 -3.66 -9.39
N ASP A 430 5.18 -2.84 -10.38
CA ASP A 430 5.90 -2.89 -11.63
C ASP A 430 7.11 -1.98 -11.46
N SER A 431 6.93 -0.69 -11.72
CA SER A 431 8.00 0.27 -11.53
C SER A 431 8.32 0.49 -10.05
N ILE A 432 9.60 0.48 -9.72
CA ILE A 432 10.05 0.99 -8.42
C ILE A 432 10.04 2.51 -8.50
N PRO A 433 9.44 3.18 -7.50
CA PRO A 433 9.45 4.65 -7.51
C PRO A 433 10.86 5.23 -7.56
N GLY A 434 10.99 6.44 -8.10
CA GLY A 434 12.26 7.12 -8.14
C GLY A 434 12.73 7.40 -6.72
N VAL A 435 14.01 7.14 -6.46
CA VAL A 435 14.54 7.25 -5.12
C VAL A 435 14.49 8.70 -4.62
N ASP A 436 14.66 9.65 -5.54
CA ASP A 436 14.59 11.06 -5.19
C ASP A 436 13.17 11.46 -4.79
N ASN A 437 12.18 10.90 -5.48
CA ASN A 437 10.79 11.16 -5.15
C ASN A 437 10.44 10.62 -3.77
N LEU A 438 10.97 9.44 -3.45
CA LEU A 438 10.73 8.81 -2.15
C LEU A 438 11.28 9.67 -1.01
N ILE A 439 12.48 10.20 -1.21
CA ILE A 439 13.17 10.96 -0.17
C ILE A 439 12.55 12.34 0.02
N ILE A 440 12.38 13.07 -1.09
CA ILE A 440 11.83 14.41 -1.04
C ILE A 440 10.41 14.44 -0.49
N GLU A 441 9.59 13.48 -0.89
CA GLU A 441 8.18 13.49 -0.52
C GLU A 441 7.91 12.71 0.77
N HIS A 442 8.95 12.12 1.33
CA HIS A 442 8.84 11.32 2.56
C HIS A 442 7.82 10.20 2.41
N ALA A 443 7.80 9.57 1.24
CA ALA A 443 6.98 8.39 1.01
C ALA A 443 7.69 7.20 1.64
N ALA A 444 7.40 6.95 2.92
CA ALA A 444 8.21 6.05 3.73
C ALA A 444 7.86 4.58 3.61
N TRP A 445 7.53 4.13 2.39
CA TRP A 445 7.30 2.71 2.13
C TRP A 445 8.43 1.88 2.73
N LEU A 446 8.08 0.87 3.51
CA LEU A 446 9.08 0.06 4.21
C LEU A 446 10.01 -0.68 3.26
N TYR A 447 9.43 -1.28 2.21
CA TYR A 447 10.22 -1.95 1.20
C TYR A 447 9.54 -1.92 -0.17
N PHE A 448 10.28 -2.29 -1.22
CA PHE A 448 9.69 -2.45 -2.54
C PHE A 448 9.97 -3.85 -3.06
N CYS A 449 9.22 -4.27 -4.06
CA CYS A 449 9.35 -5.63 -4.58
C CYS A 449 8.70 -5.77 -5.94
N PRO A 450 9.48 -5.63 -7.01
CA PRO A 450 8.97 -5.91 -8.35
C PRO A 450 8.55 -7.38 -8.48
N TRP A 451 7.55 -7.65 -9.32
CA TRP A 451 7.16 -9.03 -9.60
C TRP A 451 8.26 -9.65 -10.46
N TYR A 452 8.16 -10.95 -10.72
CA TYR A 452 9.18 -11.63 -11.52
C TYR A 452 9.02 -11.32 -13.01
N GLY A 453 9.96 -11.82 -13.81
CA GLY A 453 9.88 -11.64 -15.25
C GLY A 453 10.06 -10.21 -15.70
N GLU A 454 9.20 -9.77 -16.61
CA GLU A 454 9.33 -8.47 -17.27
C GLU A 454 9.30 -7.28 -16.31
N PHE A 455 8.74 -7.47 -15.13
CA PHE A 455 8.55 -6.34 -14.22
C PHE A 455 9.87 -5.85 -13.63
N ILE A 456 10.89 -6.70 -13.68
CA ILE A 456 12.24 -6.30 -13.26
C ILE A 456 13.20 -6.34 -14.46
N LEU A 457 12.96 -7.28 -15.38
CA LEU A 457 13.90 -7.50 -16.48
C LEU A 457 13.68 -6.56 -17.67
N ASP A 458 12.50 -5.97 -17.78
CA ASP A 458 12.17 -5.10 -18.91
C ASP A 458 12.28 -3.63 -18.50
N GLU A 459 13.06 -2.87 -19.25
CA GLU A 459 13.30 -1.46 -18.90
C GLU A 459 12.05 -0.59 -19.06
N LYS A 460 11.00 -1.12 -19.67
CA LYS A 460 9.74 -0.38 -19.75
C LYS A 460 9.10 -0.32 -18.36
N ASN A 461 9.50 -1.25 -17.50
CA ASN A 461 9.02 -1.28 -16.12
C ASN A 461 10.03 -0.64 -15.17
N ASN A 462 11.28 -1.06 -15.28
CA ASN A 462 12.36 -0.46 -14.48
C ASN A 462 13.59 -0.22 -15.33
N ALA A 463 13.91 1.06 -15.54
CA ALA A 463 15.08 1.45 -16.32
C ALA A 463 16.36 1.08 -15.58
N LYS A 464 17.39 0.71 -16.33
CA LYS A 464 18.66 0.32 -15.73
C LYS A 464 19.29 1.46 -14.93
N SER A 465 19.20 2.68 -15.44
CA SER A 465 19.79 3.82 -14.75
C SER A 465 19.10 4.07 -13.40
N ASP A 466 17.79 3.88 -13.36
CA ASP A 466 17.04 4.04 -12.12
C ASP A 466 17.33 2.92 -11.14
N LEU A 467 17.45 1.69 -11.65
CA LEU A 467 17.76 0.54 -10.82
C LEU A 467 19.11 0.74 -10.12
N LYS A 468 20.11 1.14 -10.89
CA LYS A 468 21.44 1.37 -10.34
C LYS A 468 21.43 2.50 -9.33
N GLU A 469 20.66 3.55 -9.62
CA GLU A 469 20.62 4.71 -8.74
C GLU A 469 20.03 4.38 -7.37
N ILE A 470 18.90 3.67 -7.35
CA ILE A 470 18.26 3.38 -6.08
C ILE A 470 19.00 2.27 -5.33
N TYR A 471 19.48 1.25 -6.05
CA TYR A 471 20.16 0.14 -5.39
C TYR A 471 21.50 0.55 -4.78
N THR A 472 22.12 1.59 -5.32
CA THR A 472 23.39 2.07 -4.75
C THR A 472 23.19 3.32 -3.89
N SER A 473 21.92 3.65 -3.64
CA SER A 473 21.58 4.80 -2.80
C SER A 473 21.73 4.48 -1.32
N ASP A 474 22.15 5.47 -0.54
CA ASP A 474 22.25 5.32 0.91
C ASP A 474 20.88 5.06 1.52
N TYR A 475 19.83 5.53 0.85
CA TYR A 475 18.47 5.39 1.33
C TYR A 475 17.96 3.96 1.18
N CYS A 476 18.62 3.16 0.35
CA CYS A 476 18.14 1.82 0.07
C CYS A 476 18.97 0.73 0.74
N ILE A 477 18.29 -0.13 1.48
CA ILE A 477 18.94 -1.26 2.14
C ILE A 477 18.99 -2.46 1.20
N THR A 478 20.21 -2.98 0.98
CA THR A 478 20.40 -4.15 0.14
C THR A 478 20.86 -5.32 1.00
N LEU A 479 21.13 -6.47 0.37
CA LEU A 479 21.46 -7.69 1.11
C LEU A 479 22.64 -7.51 2.06
N GLU A 480 23.68 -6.83 1.59
CA GLU A 480 24.90 -6.64 2.37
C GLU A 480 24.67 -5.79 3.63
N ASP A 481 23.62 -4.96 3.62
CA ASP A 481 23.36 -4.04 4.72
C ASP A 481 22.70 -4.71 5.92
N LEU A 482 22.15 -5.91 5.72
CA LEU A 482 21.42 -6.61 6.76
C LEU A 482 22.35 -7.11 7.86
N PRO A 483 21.83 -7.22 9.10
CA PRO A 483 22.65 -7.67 10.22
C PRO A 483 22.90 -9.17 10.23
N PHE A 484 21.94 -9.94 9.74
CA PHE A 484 21.93 -11.39 9.91
C PHE A 484 23.13 -12.08 9.27
N SER A 485 23.50 -13.23 9.84
CA SER A 485 24.71 -13.93 9.42
C SER A 485 24.54 -14.63 8.08
N LYS A 486 25.60 -14.61 7.29
CA LYS A 486 25.58 -15.23 5.96
C LYS A 486 26.39 -16.52 5.95
CA CA B . -11.12 36.27 5.29
C ACT C . -8.65 10.30 -3.61
O ACT C . -9.25 10.70 -4.63
OXT ACT C . -9.36 9.97 -2.64
CH3 ACT C . -7.15 10.21 -3.57
C ACT D . 0.00 -11.46 -8.20
O ACT D . -0.80 -12.33 -8.59
OXT ACT D . 0.14 -11.39 -6.95
CH3 ACT D . 0.75 -10.57 -9.14
C ACT E . 8.75 -5.44 21.02
O ACT E . 7.78 -5.39 21.80
OXT ACT E . 8.74 -4.59 20.08
CH3 ACT E . 9.84 -6.43 21.19
#